data_6ZCQ
#
_entry.id   6ZCQ
#
_cell.length_a   40.140
_cell.length_b   85.640
_cell.length_c   90.280
_cell.angle_alpha   90.000
_cell.angle_beta   90.000
_cell.angle_gamma   90.000
#
_symmetry.space_group_name_H-M   'P 21 21 21'
#
loop_
_entity.id
_entity.type
_entity.pdbx_description
1 polymer 'Tyrosine-protein kinase SYK'
2 non-polymer 7-[[4-[4-[[(3~{R},4~{R})-3-azanyloxan-4-yl]amino]pyrazol-1-yl]pyrimidin-2-yl]amino]-~{N},3-dimethyl-imidazo[1,5-a]pyridine-1-carboxamide
3 water water
#
_entity_poly.entity_id   1
_entity_poly.type   'polypeptide(L)'
_entity_poly.pdbx_seq_one_letter_code
;MDTEVYESPYADPEEIRPKEVYLDRKLLTLEDKELGSGNFGTVKKGYYQMKKVVKTVAVKILKNEANDPALKDELLAEAN
VMQQLDNPYIVRMIGICEAESWMLVMEMAELGPLNKYLQQNRHVKDKNIIELVHQVSMGMKYLEESNFVHRDLAARNVLL
VTQHYAKISDFGLSKALRADENYYKAQTHGKWPVKWYAPECINYYKFSSKSDVWSFGVLMWEAFSYGQKPYRGMKGSEVT
AMLEKGERMGCPAGCPREMYDLMNLCWTYDVENRPGFAAVELRLRNYYYDVVNHHHHHH
;
_entity_poly.pdbx_strand_id   A
#
# COMPACT_ATOMS: atom_id res chain seq x y z
N VAL A 21 1.16 -21.85 -9.24
CA VAL A 21 1.74 -20.59 -9.75
C VAL A 21 1.12 -20.27 -11.10
N TYR A 22 1.20 -21.25 -12.05
CA TYR A 22 0.66 -21.10 -13.39
C TYR A 22 -0.73 -21.69 -13.43
N LEU A 23 -1.70 -20.84 -13.77
CA LEU A 23 -3.11 -21.17 -13.79
C LEU A 23 -3.59 -21.54 -15.17
N ASP A 24 -4.69 -22.31 -15.22
CA ASP A 24 -5.35 -22.79 -16.42
C ASP A 24 -6.37 -21.73 -16.87
N ARG A 25 -6.09 -21.04 -18.00
CA ARG A 25 -6.93 -20.02 -18.63
C ARG A 25 -8.37 -20.50 -18.83
N LYS A 26 -8.58 -21.81 -19.07
CA LYS A 26 -9.93 -22.39 -19.27
C LYS A 26 -10.78 -22.32 -18.00
N LEU A 27 -10.12 -22.21 -16.83
CA LEU A 27 -10.75 -22.13 -15.51
C LEU A 27 -10.99 -20.68 -15.11
N LEU A 28 -10.42 -19.76 -15.91
CA LEU A 28 -10.51 -18.34 -15.67
C LEU A 28 -11.60 -17.74 -16.55
N THR A 29 -12.57 -17.12 -15.91
CA THR A 29 -13.66 -16.41 -16.57
C THR A 29 -13.41 -14.93 -16.27
N LEU A 30 -13.32 -14.10 -17.31
CA LEU A 30 -13.09 -12.66 -17.16
C LEU A 30 -14.34 -11.86 -17.51
N GLU A 31 -14.62 -10.81 -16.72
CA GLU A 31 -15.76 -9.93 -16.95
C GLU A 31 -15.39 -8.96 -18.06
N ASP A 32 -16.36 -8.65 -18.96
CA ASP A 32 -16.17 -7.74 -20.09
C ASP A 32 -15.76 -6.34 -19.61
N LYS A 33 -16.53 -5.75 -18.67
CA LYS A 33 -16.28 -4.42 -18.13
C LYS A 33 -15.18 -4.40 -17.07
N GLU A 34 -14.13 -3.61 -17.33
CA GLU A 34 -13.01 -3.42 -16.43
C GLU A 34 -13.34 -2.57 -15.20
N LEU A 35 -12.56 -2.77 -14.11
CA LEU A 35 -12.64 -2.03 -12.86
C LEU A 35 -11.90 -0.67 -13.03
N GLY A 36 -11.01 -0.59 -14.01
CA GLY A 36 -10.25 0.60 -14.36
C GLY A 36 -8.89 0.32 -14.95
N SER A 37 -8.07 1.39 -15.12
CA SER A 37 -6.69 1.35 -15.63
C SER A 37 -5.64 1.19 -14.45
N GLY A 38 -4.47 1.83 -14.55
CA GLY A 38 -3.43 1.75 -13.52
C GLY A 38 -1.96 1.80 -13.97
N ASN A 39 -1.66 2.29 -15.20
CA ASN A 39 -0.33 2.47 -15.83
C ASN A 39 0.30 1.17 -16.38
N PHE A 40 0.08 0.04 -15.68
CA PHE A 40 0.55 -1.29 -16.08
C PHE A 40 -0.43 -1.85 -17.13
N GLY A 41 -1.64 -1.32 -17.11
CA GLY A 41 -2.72 -1.76 -17.96
C GLY A 41 -4.07 -1.60 -17.30
N THR A 42 -4.83 -2.69 -17.19
CA THR A 42 -6.18 -2.68 -16.64
C THR A 42 -6.38 -3.68 -15.47
N VAL A 43 -7.38 -3.41 -14.62
CA VAL A 43 -7.80 -4.27 -13.51
C VAL A 43 -9.17 -4.81 -13.88
N LYS A 44 -9.33 -6.13 -13.90
CA LYS A 44 -10.62 -6.75 -14.24
C LYS A 44 -11.10 -7.70 -13.16
N LYS A 45 -12.41 -7.88 -13.10
CA LYS A 45 -13.06 -8.82 -12.20
C LYS A 45 -13.22 -10.14 -12.99
N GLY A 46 -13.09 -11.25 -12.29
CA GLY A 46 -13.27 -12.57 -12.86
C GLY A 46 -13.64 -13.63 -11.84
N TYR A 47 -13.54 -14.89 -12.28
CA TYR A 47 -13.86 -16.09 -11.51
C TYR A 47 -12.89 -17.16 -11.90
N TYR A 48 -12.36 -17.86 -10.91
CA TYR A 48 -11.45 -18.96 -11.16
C TYR A 48 -12.02 -20.22 -10.52
N GLN A 49 -12.44 -21.16 -11.38
CA GLN A 49 -13.01 -22.46 -10.99
C GLN A 49 -11.93 -23.24 -10.25
N MET A 50 -12.12 -23.31 -8.92
CA MET A 50 -11.19 -23.97 -8.02
C MET A 50 -11.64 -25.43 -7.80
N LYS A 51 -10.92 -26.16 -6.92
CA LYS A 51 -11.13 -27.59 -6.60
C LYS A 51 -12.61 -28.05 -6.50
N LYS A 52 -13.50 -27.24 -5.85
CA LYS A 52 -14.92 -27.55 -5.63
C LYS A 52 -15.87 -26.33 -5.73
N VAL A 53 -15.33 -25.13 -5.49
CA VAL A 53 -16.05 -23.85 -5.48
C VAL A 53 -15.57 -22.97 -6.66
N VAL A 54 -16.09 -21.73 -6.76
CA VAL A 54 -15.62 -20.72 -7.70
C VAL A 54 -15.03 -19.57 -6.85
N LYS A 55 -13.88 -19.05 -7.25
CA LYS A 55 -13.23 -17.97 -6.54
C LYS A 55 -13.33 -16.67 -7.31
N THR A 56 -13.92 -15.61 -6.70
CA THR A 56 -14.02 -14.27 -7.31
C THR A 56 -12.63 -13.65 -7.22
N VAL A 57 -12.11 -13.18 -8.36
CA VAL A 57 -10.75 -12.64 -8.47
C VAL A 57 -10.70 -11.24 -9.10
N ALA A 58 -9.61 -10.50 -8.78
CA ALA A 58 -9.23 -9.23 -9.38
C ALA A 58 -7.99 -9.59 -10.18
N VAL A 59 -7.99 -9.24 -11.45
CA VAL A 59 -6.92 -9.59 -12.38
C VAL A 59 -6.24 -8.32 -12.90
N LYS A 60 -4.92 -8.29 -12.80
CA LYS A 60 -4.07 -7.23 -13.33
C LYS A 60 -3.67 -7.70 -14.70
N ILE A 61 -4.08 -6.96 -15.73
CA ILE A 61 -3.80 -7.36 -17.11
C ILE A 61 -2.77 -6.41 -17.73
N LEU A 62 -1.67 -6.97 -18.28
CA LEU A 62 -0.56 -6.24 -18.89
C LEU A 62 -1.00 -5.48 -20.15
N LYS A 63 -1.67 -6.18 -21.11
CA LYS A 63 -2.17 -5.68 -22.40
C LYS A 63 -1.05 -5.25 -23.36
N LEU A 71 8.16 -4.82 -18.93
CA LEU A 71 6.78 -4.81 -18.43
C LEU A 71 6.31 -6.19 -17.97
N LYS A 72 6.54 -7.24 -18.80
CA LYS A 72 6.22 -8.64 -18.48
C LYS A 72 7.14 -9.10 -17.34
N ASP A 73 8.40 -8.64 -17.39
CA ASP A 73 9.45 -8.88 -16.41
C ASP A 73 9.06 -8.27 -15.05
N GLU A 74 8.38 -7.11 -15.10
CA GLU A 74 7.88 -6.43 -13.93
C GLU A 74 6.66 -7.17 -13.35
N LEU A 75 5.75 -7.71 -14.22
CA LEU A 75 4.59 -8.45 -13.74
C LEU A 75 5.02 -9.79 -13.10
N LEU A 76 6.03 -10.46 -13.69
CA LEU A 76 6.59 -11.72 -13.20
C LEU A 76 7.29 -11.53 -11.86
N ALA A 77 8.09 -10.45 -11.74
CA ALA A 77 8.78 -10.11 -10.49
C ALA A 77 7.75 -9.77 -9.39
N GLU A 78 6.67 -9.00 -9.73
CA GLU A 78 5.60 -8.67 -8.78
C GLU A 78 4.93 -9.96 -8.26
N ALA A 79 4.57 -10.87 -9.17
CA ALA A 79 3.98 -12.17 -8.83
C ALA A 79 4.99 -13.01 -7.99
N ASN A 80 6.29 -12.93 -8.30
CA ASN A 80 7.30 -13.65 -7.52
C ASN A 80 7.32 -13.20 -6.05
N VAL A 81 7.18 -11.88 -5.81
CA VAL A 81 7.13 -11.28 -4.48
C VAL A 81 5.88 -11.77 -3.73
N MET A 82 4.70 -11.57 -4.34
CA MET A 82 3.41 -11.89 -3.76
C MET A 82 3.24 -13.38 -3.39
N GLN A 83 3.83 -14.28 -4.18
CA GLN A 83 3.80 -15.73 -3.96
C GLN A 83 4.47 -16.12 -2.63
N GLN A 84 5.55 -15.39 -2.24
CA GLN A 84 6.34 -15.54 -0.99
C GLN A 84 5.64 -14.94 0.24
N LEU A 85 4.54 -14.19 0.05
CA LEU A 85 3.87 -13.53 1.16
C LEU A 85 2.63 -14.22 1.66
N ASP A 86 2.56 -14.39 2.97
CA ASP A 86 1.47 -15.09 3.65
C ASP A 86 1.09 -14.29 4.92
N ASN A 87 0.10 -13.40 4.77
CA ASN A 87 -0.32 -12.54 5.88
C ASN A 87 -1.76 -12.13 5.68
N PRO A 88 -2.57 -11.99 6.76
CA PRO A 88 -3.98 -11.57 6.59
C PRO A 88 -4.19 -10.16 6.00
N TYR A 89 -3.18 -9.27 6.07
CA TYR A 89 -3.30 -7.88 5.60
C TYR A 89 -2.51 -7.59 4.33
N ILE A 90 -2.24 -8.65 3.55
CA ILE A 90 -1.59 -8.57 2.23
C ILE A 90 -2.48 -9.35 1.28
N VAL A 91 -2.84 -8.75 0.12
CA VAL A 91 -3.65 -9.42 -0.91
C VAL A 91 -2.97 -10.73 -1.36
N ARG A 92 -3.76 -11.80 -1.44
CA ARG A 92 -3.30 -13.08 -1.92
C ARG A 92 -3.29 -13.18 -3.44
N MET A 93 -2.19 -13.67 -3.98
CA MET A 93 -2.06 -13.93 -5.40
C MET A 93 -2.49 -15.38 -5.61
N ILE A 94 -3.52 -15.64 -6.46
CA ILE A 94 -3.97 -16.99 -6.83
C ILE A 94 -2.91 -17.57 -7.72
N GLY A 95 -2.51 -16.81 -8.74
CA GLY A 95 -1.42 -17.19 -9.62
C GLY A 95 -1.28 -16.25 -10.80
N ILE A 96 -0.55 -16.71 -11.80
CA ILE A 96 -0.35 -16.00 -13.06
C ILE A 96 -0.91 -16.82 -14.20
N CYS A 97 -1.26 -16.13 -15.29
CA CYS A 97 -1.80 -16.77 -16.47
C CYS A 97 -1.29 -16.05 -17.72
N GLU A 98 -0.69 -16.82 -18.64
CA GLU A 98 -0.16 -16.33 -19.91
C GLU A 98 -1.17 -16.72 -21.00
N ALA A 99 -1.91 -15.73 -21.49
CA ALA A 99 -2.92 -15.94 -22.52
C ALA A 99 -2.87 -14.80 -23.55
N GLU A 100 -4.02 -14.16 -23.84
CA GLU A 100 -4.10 -13.02 -24.78
C GLU A 100 -3.02 -12.00 -24.38
N SER A 101 -2.91 -11.73 -23.05
CA SER A 101 -1.90 -10.90 -22.36
C SER A 101 -1.47 -11.66 -21.07
N TRP A 102 -0.42 -11.18 -20.39
CA TRP A 102 0.04 -11.74 -19.11
C TRP A 102 -0.94 -11.25 -18.04
N MET A 103 -1.35 -12.14 -17.14
CA MET A 103 -2.36 -11.84 -16.13
C MET A 103 -1.89 -12.18 -14.72
N LEU A 104 -2.12 -11.27 -13.79
CA LEU A 104 -1.77 -11.51 -12.40
C LEU A 104 -3.12 -11.63 -11.71
N VAL A 105 -3.40 -12.84 -11.20
CA VAL A 105 -4.68 -13.21 -10.60
C VAL A 105 -4.59 -13.17 -9.09
N MET A 106 -5.43 -12.32 -8.49
CA MET A 106 -5.45 -12.09 -7.06
C MET A 106 -6.82 -12.39 -6.49
N GLU A 107 -6.89 -12.61 -5.19
CA GLU A 107 -8.15 -12.79 -4.46
C GLU A 107 -8.84 -11.43 -4.43
N MET A 108 -10.13 -11.37 -4.77
CA MET A 108 -10.90 -10.12 -4.82
C MET A 108 -11.19 -9.50 -3.45
N ALA A 109 -10.87 -8.21 -3.31
CA ALA A 109 -11.19 -7.36 -2.15
C ALA A 109 -12.21 -6.42 -2.78
N GLU A 110 -13.49 -6.76 -2.61
CA GLU A 110 -14.67 -6.19 -3.23
C GLU A 110 -14.87 -4.69 -3.11
N LEU A 111 -14.45 -4.07 -2.00
CA LEU A 111 -14.73 -2.65 -1.78
C LEU A 111 -13.76 -1.72 -2.49
N GLY A 112 -12.67 -2.27 -3.03
CA GLY A 112 -11.70 -1.52 -3.79
C GLY A 112 -10.75 -0.61 -3.03
N PRO A 113 -10.05 0.25 -3.78
CA PRO A 113 -9.04 1.14 -3.18
C PRO A 113 -9.57 1.99 -2.02
N LEU A 114 -8.79 2.04 -0.91
CA LEU A 114 -9.08 2.76 0.30
C LEU A 114 -9.35 4.25 0.04
N ASN A 115 -8.50 4.90 -0.81
CA ASN A 115 -8.66 6.31 -1.11
C ASN A 115 -10.02 6.60 -1.77
N LYS A 116 -10.40 5.85 -2.85
CA LYS A 116 -11.67 6.01 -3.56
C LYS A 116 -12.83 5.72 -2.61
N TYR A 117 -12.72 4.64 -1.80
CA TYR A 117 -13.74 4.29 -0.83
C TYR A 117 -14.12 5.46 0.12
N LEU A 118 -13.10 6.02 0.81
CA LEU A 118 -13.23 7.12 1.76
C LEU A 118 -13.74 8.39 1.13
N GLN A 119 -13.39 8.64 -0.16
CA GLN A 119 -13.83 9.80 -0.94
C GLN A 119 -15.35 9.72 -1.16
N GLN A 120 -15.88 8.50 -1.30
CA GLN A 120 -17.28 8.18 -1.55
C GLN A 120 -18.09 7.88 -0.28
N ASN A 121 -17.44 7.71 0.89
CA ASN A 121 -18.05 7.38 2.17
C ASN A 121 -17.39 8.22 3.26
N ARG A 122 -17.68 9.53 3.23
CA ARG A 122 -17.12 10.56 4.12
C ARG A 122 -17.65 10.52 5.58
N HIS A 123 -18.62 9.67 5.87
CA HIS A 123 -19.20 9.50 7.19
C HIS A 123 -18.66 8.21 7.90
N VAL A 124 -17.53 7.64 7.38
CA VAL A 124 -16.83 6.50 8.01
C VAL A 124 -16.23 7.14 9.27
N LYS A 125 -16.50 6.54 10.43
CA LYS A 125 -16.04 7.03 11.71
C LYS A 125 -14.52 6.98 11.86
N ASP A 126 -14.00 7.89 12.68
CA ASP A 126 -12.59 8.02 13.02
C ASP A 126 -11.98 6.71 13.56
N LYS A 127 -12.69 6.03 14.48
CA LYS A 127 -12.34 4.73 15.07
C LYS A 127 -12.09 3.69 13.95
N ASN A 128 -12.92 3.74 12.89
CA ASN A 128 -12.85 2.86 11.71
C ASN A 128 -11.59 3.13 10.87
N ILE A 129 -11.20 4.42 10.74
CA ILE A 129 -9.98 4.80 10.02
C ILE A 129 -8.77 4.28 10.80
N ILE A 130 -8.76 4.44 12.14
CA ILE A 130 -7.70 3.91 13.00
C ILE A 130 -7.58 2.41 12.81
N GLU A 131 -8.70 1.71 12.82
CA GLU A 131 -8.76 0.27 12.61
C GLU A 131 -8.09 -0.17 11.26
N LEU A 132 -8.41 0.52 10.16
CA LEU A 132 -7.88 0.22 8.83
C LEU A 132 -6.39 0.56 8.69
N VAL A 133 -5.95 1.75 9.17
CA VAL A 133 -4.53 2.12 9.08
C VAL A 133 -3.67 1.20 10.01
N HIS A 134 -4.24 0.69 11.10
CA HIS A 134 -3.56 -0.25 12.00
C HIS A 134 -3.35 -1.60 11.28
N GLN A 135 -4.35 -2.05 10.51
CA GLN A 135 -4.29 -3.28 9.71
C GLN A 135 -3.15 -3.19 8.69
N VAL A 136 -3.01 -2.03 8.01
CA VAL A 136 -1.92 -1.75 7.06
C VAL A 136 -0.56 -1.85 7.76
N SER A 137 -0.40 -1.22 8.96
CA SER A 137 0.83 -1.30 9.77
C SER A 137 1.20 -2.76 10.15
N MET A 138 0.18 -3.64 10.41
CA MET A 138 0.36 -5.06 10.72
C MET A 138 0.93 -5.79 9.49
N GLY A 139 0.41 -5.48 8.30
CA GLY A 139 0.94 -6.04 7.05
C GLY A 139 2.36 -5.53 6.76
N MET A 140 2.63 -4.27 7.11
CA MET A 140 3.95 -3.66 6.89
C MET A 140 4.97 -4.14 7.92
N LYS A 141 4.51 -4.50 9.14
CA LYS A 141 5.34 -5.08 10.20
C LYS A 141 5.84 -6.46 9.72
N TYR A 142 4.92 -7.25 9.12
CA TYR A 142 5.20 -8.56 8.53
C TYR A 142 6.19 -8.41 7.36
N LEU A 143 5.94 -7.45 6.48
CA LEU A 143 6.79 -7.16 5.32
C LEU A 143 8.22 -6.76 5.72
N GLU A 144 8.35 -5.96 6.78
CA GLU A 144 9.62 -5.54 7.35
C GLU A 144 10.40 -6.75 7.90
N GLU A 145 9.72 -7.64 8.66
CA GLU A 145 10.33 -8.87 9.23
C GLU A 145 10.79 -9.82 8.10
N SER A 146 10.01 -9.88 6.99
CA SER A 146 10.32 -10.69 5.81
C SER A 146 11.48 -10.08 4.99
N ASN A 147 11.89 -8.85 5.35
CA ASN A 147 12.94 -8.07 4.69
C ASN A 147 12.63 -7.79 3.21
N PHE A 148 11.38 -7.35 2.97
CA PHE A 148 10.85 -6.89 1.71
C PHE A 148 10.58 -5.40 1.85
N VAL A 149 10.90 -4.62 0.80
CA VAL A 149 10.54 -3.20 0.75
C VAL A 149 9.41 -3.06 -0.29
N HIS A 150 8.30 -2.39 0.09
CA HIS A 150 7.13 -2.23 -0.78
C HIS A 150 7.39 -1.19 -1.88
N ARG A 151 7.97 -0.02 -1.52
CA ARG A 151 8.29 1.09 -2.43
C ARG A 151 7.09 1.77 -3.15
N ASP A 152 5.83 1.39 -2.84
CA ASP A 152 4.66 2.09 -3.38
C ASP A 152 3.51 2.15 -2.35
N LEU A 153 3.84 2.42 -1.10
CA LEU A 153 2.84 2.40 -0.04
C LEU A 153 2.03 3.70 -0.03
N ALA A 154 0.84 3.61 -0.64
CA ALA A 154 -0.13 4.69 -0.83
C ALA A 154 -1.53 4.13 -0.59
N ALA A 155 -2.49 5.02 -0.26
CA ALA A 155 -3.88 4.63 0.01
C ALA A 155 -4.54 4.00 -1.20
N ARG A 156 -4.11 4.36 -2.44
CA ARG A 156 -4.59 3.77 -3.70
C ARG A 156 -4.19 2.29 -3.81
N ASN A 157 -3.16 1.89 -3.05
CA ASN A 157 -2.61 0.52 -3.03
C ASN A 157 -3.06 -0.28 -1.81
N VAL A 158 -4.09 0.23 -1.08
CA VAL A 158 -4.76 -0.46 0.04
C VAL A 158 -6.17 -0.80 -0.46
N LEU A 159 -6.51 -2.08 -0.47
CA LEU A 159 -7.77 -2.62 -0.99
C LEU A 159 -8.66 -3.07 0.16
N LEU A 160 -9.94 -2.75 0.08
CA LEU A 160 -10.86 -3.09 1.16
C LEU A 160 -11.65 -4.34 0.89
N VAL A 161 -11.55 -5.30 1.81
CA VAL A 161 -12.30 -6.55 1.73
C VAL A 161 -13.70 -6.23 2.24
N THR A 162 -13.73 -5.52 3.39
CA THR A 162 -14.95 -5.00 4.05
C THR A 162 -14.55 -3.62 4.57
N GLN A 163 -15.52 -2.88 5.13
CA GLN A 163 -15.30 -1.55 5.68
C GLN A 163 -14.32 -1.60 6.85
N HIS A 164 -14.18 -2.80 7.47
CA HIS A 164 -13.32 -3.09 8.62
C HIS A 164 -12.17 -4.04 8.31
N TYR A 165 -11.84 -4.22 7.01
CA TYR A 165 -10.78 -5.15 6.64
C TYR A 165 -9.95 -4.65 5.45
N ALA A 166 -8.71 -4.21 5.73
CA ALA A 166 -7.75 -3.69 4.72
C ALA A 166 -6.63 -4.69 4.43
N LYS A 167 -6.16 -4.68 3.17
CA LYS A 167 -5.03 -5.46 2.65
C LYS A 167 -4.18 -4.60 1.73
N ILE A 168 -2.89 -4.88 1.71
CA ILE A 168 -1.94 -4.19 0.85
C ILE A 168 -1.79 -4.99 -0.44
N SER A 169 -1.88 -4.29 -1.56
CA SER A 169 -1.65 -4.86 -2.87
C SER A 169 -0.54 -4.02 -3.54
N ASP A 170 -0.32 -4.24 -4.84
CA ASP A 170 0.54 -3.48 -5.75
C ASP A 170 2.01 -3.60 -5.38
N PHE A 171 2.57 -4.81 -5.65
CA PHE A 171 3.95 -5.21 -5.35
C PHE A 171 4.95 -5.05 -6.53
N GLY A 172 4.56 -4.26 -7.53
CA GLY A 172 5.30 -3.98 -8.75
C GLY A 172 6.65 -3.31 -8.59
N LEU A 173 6.82 -2.47 -7.56
CA LEU A 173 8.12 -1.82 -7.29
C LEU A 173 8.82 -2.49 -6.08
N SER A 174 8.20 -3.56 -5.51
CA SER A 174 8.70 -4.28 -4.33
C SER A 174 10.00 -5.02 -4.55
N LYS A 175 10.84 -5.04 -3.50
CA LYS A 175 12.15 -5.66 -3.55
C LYS A 175 12.39 -6.52 -2.35
N ALA A 176 13.01 -7.69 -2.58
CA ALA A 176 13.53 -8.60 -1.55
C ALA A 176 14.92 -8.01 -1.25
N LEU A 177 15.17 -7.64 -0.01
CA LEU A 177 16.47 -7.07 0.37
C LEU A 177 17.53 -8.17 0.38
N ARG A 178 18.76 -7.78 0.04
CA ARG A 178 19.94 -8.63 0.05
C ARG A 178 20.24 -9.07 1.47
N ALA A 179 20.79 -10.28 1.67
CA ALA A 179 21.10 -10.74 3.02
C ALA A 179 22.11 -9.83 3.77
N ASP A 180 22.86 -8.98 3.05
CA ASP A 180 23.91 -8.13 3.63
C ASP A 180 23.54 -6.65 3.74
N GLU A 181 22.39 -6.23 3.17
CA GLU A 181 21.96 -4.82 3.17
C GLU A 181 20.55 -4.58 3.69
N ASN A 182 20.34 -3.45 4.39
CA ASN A 182 19.04 -3.00 4.94
C ASN A 182 18.26 -2.11 3.94
N TYR A 183 18.88 -1.79 2.80
CA TYR A 183 18.28 -0.96 1.77
C TYR A 183 18.48 -1.52 0.36
N TYR A 184 17.65 -1.04 -0.55
CA TYR A 184 17.71 -1.28 -1.99
C TYR A 184 18.11 0.07 -2.61
N LYS A 185 19.10 0.05 -3.53
CA LYS A 185 19.57 1.23 -4.24
C LYS A 185 19.05 1.19 -5.67
N ALA A 186 18.21 2.15 -6.05
CA ALA A 186 17.69 2.22 -7.41
C ALA A 186 18.79 2.77 -8.33
N GLN A 187 18.93 2.18 -9.53
CA GLN A 187 19.93 2.60 -10.52
C GLN A 187 19.15 3.38 -11.62
N THR A 188 18.97 4.71 -11.35
CA THR A 188 18.22 5.74 -12.08
C THR A 188 16.81 5.90 -11.44
N HIS A 189 16.36 7.18 -11.28
CA HIS A 189 15.09 7.59 -10.68
C HIS A 189 13.86 6.99 -11.35
N LYS A 191 9.37 8.48 -13.27
CA LYS A 191 8.16 7.74 -12.98
C LYS A 191 8.07 7.34 -11.48
N TRP A 192 8.31 8.32 -10.59
CA TRP A 192 8.30 8.10 -9.14
C TRP A 192 7.20 8.95 -8.39
N PRO A 193 6.35 8.31 -7.51
CA PRO A 193 5.38 9.10 -6.73
C PRO A 193 6.11 9.85 -5.59
N VAL A 194 6.74 11.00 -5.95
CA VAL A 194 7.59 11.85 -5.10
C VAL A 194 6.88 12.30 -3.81
N LYS A 195 5.56 12.49 -3.84
CA LYS A 195 4.78 12.93 -2.67
C LYS A 195 4.70 11.90 -1.58
N TRP A 196 5.03 10.62 -1.87
CA TRP A 196 5.06 9.55 -0.86
C TRP A 196 6.47 9.13 -0.51
N TYR A 197 7.48 9.73 -1.16
CA TYR A 197 8.87 9.31 -1.02
C TYR A 197 9.63 10.07 0.04
N ALA A 198 10.36 9.31 0.89
CA ALA A 198 11.21 9.83 1.96
C ALA A 198 12.39 10.65 1.38
N PRO A 199 13.00 11.60 2.14
CA PRO A 199 14.13 12.38 1.59
C PRO A 199 15.32 11.56 1.06
N GLU A 200 15.71 10.46 1.74
CA GLU A 200 16.82 9.61 1.31
C GLU A 200 16.54 8.89 -0.03
N CYS A 201 15.25 8.69 -0.40
CA CYS A 201 14.85 8.09 -1.69
C CYS A 201 15.21 9.05 -2.77
N ILE A 202 14.89 10.33 -2.54
CA ILE A 202 15.14 11.42 -3.46
C ILE A 202 16.63 11.70 -3.56
N ASN A 203 17.28 12.00 -2.42
CA ASN A 203 18.68 12.39 -2.34
C ASN A 203 19.68 11.29 -2.62
N TYR A 204 19.42 10.04 -2.20
CA TYR A 204 20.41 8.97 -2.35
C TYR A 204 19.87 7.73 -3.07
N TYR A 205 18.60 7.77 -3.56
CA TYR A 205 17.94 6.64 -4.26
C TYR A 205 17.94 5.37 -3.39
N LYS A 206 17.90 5.54 -2.05
CA LYS A 206 17.95 4.43 -1.07
C LYS A 206 16.57 4.07 -0.48
N PHE A 207 16.11 2.84 -0.75
CA PHE A 207 14.79 2.34 -0.34
C PHE A 207 14.87 1.27 0.73
N SER A 208 14.20 1.49 1.86
CA SER A 208 14.27 0.60 3.01
C SER A 208 12.90 0.52 3.65
N SER A 209 12.73 -0.31 4.68
CA SER A 209 11.47 -0.40 5.44
C SER A 209 11.13 0.95 6.06
N LYS A 210 12.18 1.72 6.47
CA LYS A 210 12.04 3.08 7.02
C LYS A 210 11.52 4.08 5.97
N SER A 211 11.85 3.88 4.68
CA SER A 211 11.26 4.74 3.65
C SER A 211 9.77 4.39 3.45
N ASP A 212 9.40 3.12 3.59
CA ASP A 212 7.99 2.67 3.57
C ASP A 212 7.26 3.28 4.79
N VAL A 213 7.98 3.48 5.95
CA VAL A 213 7.46 4.13 7.17
C VAL A 213 7.04 5.56 6.79
N TRP A 214 7.91 6.32 6.05
CA TRP A 214 7.60 7.65 5.52
C TRP A 214 6.32 7.64 4.71
N SER A 215 6.23 6.77 3.67
CA SER A 215 5.04 6.62 2.80
C SER A 215 3.83 6.27 3.64
N PHE A 216 3.97 5.38 4.67
CA PHE A 216 2.88 5.00 5.59
C PHE A 216 2.30 6.26 6.30
N GLY A 217 3.16 7.24 6.63
CA GLY A 217 2.75 8.49 7.28
C GLY A 217 1.90 9.31 6.32
N VAL A 218 2.28 9.32 5.03
CA VAL A 218 1.54 9.99 3.96
C VAL A 218 0.20 9.27 3.77
N LEU A 219 0.21 7.93 3.78
CA LEU A 219 -0.96 7.06 3.70
C LEU A 219 -1.94 7.37 4.87
N MET A 220 -1.42 7.56 6.10
CA MET A 220 -2.24 7.92 7.28
C MET A 220 -2.96 9.25 7.05
N TRP A 221 -2.22 10.25 6.56
CA TRP A 221 -2.70 11.59 6.22
C TRP A 221 -3.85 11.48 5.20
N GLU A 222 -3.65 10.71 4.11
CA GLU A 222 -4.65 10.47 3.04
C GLU A 222 -5.93 9.88 3.63
N ALA A 223 -5.78 8.81 4.45
CA ALA A 223 -6.89 8.12 5.10
C ALA A 223 -7.66 9.04 6.07
N PHE A 224 -6.95 9.79 6.97
CA PHE A 224 -7.62 10.73 7.88
C PHE A 224 -8.21 11.94 7.13
N SER A 225 -7.80 12.19 5.87
CA SER A 225 -8.31 13.28 5.01
C SER A 225 -9.37 12.71 4.08
N TYR A 226 -9.83 11.46 4.31
CA TYR A 226 -10.86 10.78 3.50
C TYR A 226 -10.49 10.70 1.98
N GLY A 227 -9.29 10.21 1.69
CA GLY A 227 -8.81 10.04 0.32
C GLY A 227 -8.42 11.29 -0.42
N GLN A 228 -8.18 12.41 0.29
CA GLN A 228 -7.71 13.62 -0.39
C GLN A 228 -6.23 13.39 -0.78
N LYS A 229 -5.82 13.93 -1.93
CA LYS A 229 -4.46 13.78 -2.41
C LYS A 229 -3.53 14.63 -1.50
N PRO A 230 -2.33 14.12 -1.12
CA PRO A 230 -1.44 14.94 -0.28
C PRO A 230 -0.77 16.06 -1.08
N TYR A 231 -0.27 17.09 -0.39
CA TYR A 231 0.45 18.23 -0.95
C TYR A 231 -0.33 18.90 -2.10
N ARG A 232 -1.64 19.12 -1.88
CA ARG A 232 -2.58 19.72 -2.85
C ARG A 232 -1.98 20.95 -3.54
N GLY A 233 -2.08 20.97 -4.88
CA GLY A 233 -1.64 22.06 -5.75
C GLY A 233 -0.16 22.33 -5.85
N MET A 234 0.67 21.45 -5.26
CA MET A 234 2.14 21.55 -5.22
C MET A 234 2.83 20.64 -6.25
N LYS A 235 3.96 21.14 -6.80
CA LYS A 235 4.86 20.43 -7.71
C LYS A 235 5.78 19.59 -6.81
N GLY A 236 6.30 18.47 -7.35
CA GLY A 236 7.24 17.60 -6.65
C GLY A 236 8.43 18.35 -6.08
N SER A 237 8.92 19.36 -6.83
CA SER A 237 10.02 20.21 -6.44
C SER A 237 9.65 21.07 -5.22
N GLU A 238 8.41 21.63 -5.22
CA GLU A 238 7.88 22.45 -4.12
C GLU A 238 7.68 21.60 -2.84
N VAL A 239 7.34 20.31 -3.00
CA VAL A 239 7.17 19.35 -1.89
C VAL A 239 8.55 19.12 -1.22
N THR A 240 9.57 18.79 -2.02
CA THR A 240 10.95 18.58 -1.55
C THR A 240 11.47 19.85 -0.81
N ALA A 241 11.18 21.05 -1.36
CA ALA A 241 11.61 22.33 -0.79
C ALA A 241 10.98 22.59 0.57
N MET A 242 9.69 22.23 0.72
CA MET A 242 8.89 22.34 1.95
C MET A 242 9.45 21.38 3.04
N LEU A 243 9.69 20.12 2.71
CA LEU A 243 10.23 19.10 3.63
C LEU A 243 11.64 19.42 4.12
N GLU A 244 12.45 20.03 3.25
CA GLU A 244 13.81 20.48 3.49
C GLU A 244 13.85 21.65 4.52
N LYS A 245 12.81 22.51 4.54
CA LYS A 245 12.63 23.62 5.50
C LYS A 245 12.17 23.05 6.87
N GLY A 246 11.77 21.78 6.88
CA GLY A 246 11.25 21.09 8.06
C GLY A 246 9.73 21.21 8.19
N GLU A 247 9.10 21.79 7.19
CA GLU A 247 7.65 21.94 7.16
C GLU A 247 6.98 20.60 6.80
N ARG A 248 5.85 20.30 7.46
CA ARG A 248 5.07 19.07 7.23
C ARG A 248 3.61 19.42 6.98
N MET A 249 2.82 18.49 6.39
CA MET A 249 1.39 18.74 6.19
C MET A 249 0.71 18.86 7.56
N GLY A 250 -0.36 19.66 7.63
CA GLY A 250 -1.12 19.89 8.83
C GLY A 250 -2.08 18.77 9.17
N CYS A 251 -2.65 18.84 10.35
CA CYS A 251 -3.59 17.88 10.89
C CYS A 251 -4.89 17.89 10.06
N PRO A 252 -5.27 16.76 9.43
CA PRO A 252 -6.57 16.72 8.73
C PRO A 252 -7.72 16.95 9.73
N ALA A 253 -8.82 17.55 9.28
CA ALA A 253 -10.00 17.83 10.12
C ALA A 253 -10.49 16.55 10.79
N GLY A 254 -10.68 16.66 12.10
CA GLY A 254 -11.18 15.57 12.94
C GLY A 254 -10.18 14.50 13.34
N CYS A 255 -8.92 14.60 12.88
CA CYS A 255 -7.87 13.62 13.17
C CYS A 255 -7.38 13.77 14.61
N PRO A 256 -7.44 12.69 15.44
CA PRO A 256 -6.91 12.82 16.82
C PRO A 256 -5.43 13.20 16.82
N ARG A 257 -5.04 14.07 17.74
CA ARG A 257 -3.69 14.61 17.96
C ARG A 257 -2.64 13.51 17.98
N GLU A 258 -2.95 12.36 18.66
CA GLU A 258 -2.10 11.16 18.76
C GLU A 258 -1.79 10.53 17.40
N MET A 259 -2.77 10.54 16.49
CA MET A 259 -2.60 10.01 15.13
C MET A 259 -1.78 10.96 14.28
N TYR A 260 -1.98 12.27 14.46
CA TYR A 260 -1.16 13.24 13.76
C TYR A 260 0.30 13.28 14.30
N ASP A 261 0.50 12.96 15.60
CA ASP A 261 1.82 12.85 16.21
C ASP A 261 2.57 11.66 15.56
N LEU A 262 1.86 10.52 15.38
CA LEU A 262 2.41 9.31 14.75
C LEU A 262 2.81 9.58 13.29
N MET A 263 1.95 10.28 12.55
CA MET A 263 2.14 10.75 11.17
C MET A 263 3.47 11.54 11.07
N ASN A 264 3.65 12.54 11.96
CA ASN A 264 4.86 13.34 12.04
C ASN A 264 6.12 12.52 12.38
N LEU A 265 6.00 11.53 13.27
CA LEU A 265 7.09 10.63 13.65
C LEU A 265 7.52 9.78 12.41
N CYS A 266 6.55 9.33 11.55
CA CYS A 266 6.82 8.62 10.30
C CYS A 266 7.59 9.54 9.34
N TRP A 267 7.34 10.87 9.46
CA TRP A 267 8.01 11.90 8.68
C TRP A 267 9.29 12.48 9.37
N THR A 268 10.04 11.63 10.11
CA THR A 268 11.34 11.99 10.73
C THR A 268 12.35 11.97 9.57
N TYR A 269 13.02 13.10 9.30
CA TYR A 269 13.96 13.23 8.18
C TYR A 269 15.11 12.19 8.24
N ASP A 270 15.72 12.05 9.42
CA ASP A 270 16.81 11.13 9.73
C ASP A 270 16.27 9.72 9.76
N VAL A 271 16.81 8.86 8.86
CA VAL A 271 16.43 7.45 8.67
C VAL A 271 16.57 6.67 9.97
N GLU A 272 17.74 6.81 10.66
CA GLU A 272 18.06 6.09 11.90
C GLU A 272 17.08 6.39 13.04
N ASN A 273 16.69 7.67 13.20
CA ASN A 273 15.76 8.14 14.23
C ASN A 273 14.29 7.88 13.93
N ARG A 274 13.96 7.66 12.65
CA ARG A 274 12.60 7.34 12.21
C ARG A 274 12.23 5.98 12.77
N PRO A 275 11.00 5.77 13.30
CA PRO A 275 10.68 4.43 13.83
C PRO A 275 10.46 3.41 12.70
N GLY A 276 10.65 2.13 13.04
CA GLY A 276 10.36 0.99 12.17
C GLY A 276 8.90 0.62 12.36
N PHE A 277 8.39 -0.35 11.58
CA PHE A 277 6.97 -0.75 11.61
C PHE A 277 6.56 -1.47 12.91
N ALA A 278 7.50 -2.10 13.62
CA ALA A 278 7.20 -2.71 14.92
C ALA A 278 6.80 -1.59 15.91
N ALA A 279 7.53 -0.45 15.92
CA ALA A 279 7.18 0.66 16.78
C ALA A 279 5.89 1.36 16.33
N VAL A 280 5.72 1.57 15.01
CA VAL A 280 4.53 2.22 14.41
C VAL A 280 3.24 1.41 14.67
N GLU A 281 3.29 0.08 14.45
CA GLU A 281 2.19 -0.85 14.68
C GLU A 281 1.77 -0.85 16.15
N LEU A 282 2.75 -0.84 17.08
CA LEU A 282 2.47 -0.85 18.53
C LEU A 282 1.80 0.45 19.00
N ARG A 283 2.22 1.63 18.48
CA ARG A 283 1.57 2.90 18.78
C ARG A 283 0.09 2.84 18.34
N LEU A 284 -0.16 2.30 17.13
CA LEU A 284 -1.49 2.14 16.53
C LEU A 284 -2.37 1.11 17.27
N ARG A 285 -1.81 -0.07 17.61
CA ARG A 285 -2.50 -1.12 18.35
C ARG A 285 -3.05 -0.58 19.67
N ASN A 286 -2.16 0.05 20.46
CA ASN A 286 -2.45 0.66 21.75
C ASN A 286 -3.49 1.76 21.62
N TYR A 287 -3.30 2.70 20.68
CA TYR A 287 -4.29 3.78 20.50
C TYR A 287 -5.67 3.25 20.04
N TYR A 288 -5.69 2.25 19.15
CA TYR A 288 -6.91 1.63 18.66
C TYR A 288 -7.72 1.01 19.80
N TYR A 289 -7.07 0.21 20.68
CA TYR A 289 -7.72 -0.40 21.84
C TYR A 289 -8.13 0.66 22.86
N ASP A 290 -7.36 1.75 22.96
CA ASP A 290 -7.66 2.89 23.83
C ASP A 290 -8.98 3.54 23.36
N VAL A 291 -9.14 3.78 22.03
CA VAL A 291 -10.36 4.35 21.43
C VAL A 291 -11.54 3.34 21.53
N VAL A 292 -11.24 2.03 21.44
CA VAL A 292 -12.19 0.93 21.57
C VAL A 292 -12.71 0.85 23.02
N ASN A 293 -11.85 1.21 24.01
CA ASN A 293 -12.16 1.23 25.44
C ASN A 293 -13.09 2.39 25.74
N HIS A 294 -12.74 3.61 25.27
CA HIS A 294 -13.54 4.84 25.42
C HIS A 294 -14.96 4.64 24.88
N HIS A 295 -15.10 3.94 23.72
CA HIS A 295 -16.37 3.64 23.06
C HIS A 295 -17.09 2.50 23.77
#